data_5KEJ
#
_entry.id   5KEJ
#
_cell.length_a   64.319
_cell.length_b   88.805
_cell.length_c   96.583
_cell.angle_alpha   90.000
_cell.angle_beta   90.000
_cell.angle_gamma   90.000
#
_symmetry.space_group_name_H-M   'P 21 21 21'
#
loop_
_entity.id
_entity.type
_entity.pdbx_description
1 polymer 'Tau class glutathione S-transferase'
2 non-polymer S-HEXYLGLUTATHIONE
3 non-polymer DI(HYDROXYETHYL)ETHER
4 water water
#
_entity_poly.entity_id   1
_entity_poly.type   'polypeptide(L)'
_entity_poly.pdbx_seq_one_letter_code
;MAKSDVKLLGAWPSPYVMRARITLNVKSVDYELLEETLGSKSDLLLKSNPVHKKIPVLIHNDKPICESLIIVHYIDEFWS
SGPSILPSDPYDRAIARFWAAYLDEKWYPSLKGIASAQGEEAKKAAVDQVGESLALIEDTYVKLSKGKPFFGGEKIGYLD
IAFGCFLGWLRVTEKTSGVKFLNEAKTPHLAKWAVRFCADPAVKDVMPETEKLAEFAKLLAKFRAGPPK
;
_entity_poly.pdbx_strand_id   A,B
#
loop_
_chem_comp.id
_chem_comp.type
_chem_comp.name
_chem_comp.formula
GTX non-polymer S-HEXYLGLUTATHIONE 'C16 H30 N3 O6 S 1'
PEG non-polymer DI(HYDROXYETHYL)ETHER 'C4 H10 O3'
#
# COMPACT_ATOMS: atom_id res chain seq x y z
N ALA A 2 -20.52 14.45 -9.91
CA ALA A 2 -21.41 14.75 -11.04
C ALA A 2 -20.63 14.63 -12.36
N LYS A 3 -21.36 14.62 -13.48
CA LYS A 3 -20.75 14.43 -14.79
C LYS A 3 -19.71 15.51 -15.07
N SER A 4 -19.94 16.69 -14.51
CA SER A 4 -19.00 17.79 -14.73
C SER A 4 -17.70 17.53 -14.01
N ASP A 5 -17.76 17.56 -12.70
CA ASP A 5 -16.58 17.64 -11.86
C ASP A 5 -15.78 16.35 -11.69
N VAL A 6 -16.33 15.21 -12.10
CA VAL A 6 -15.67 13.94 -11.79
C VAL A 6 -15.52 13.05 -13.01
N LYS A 7 -14.27 12.75 -13.34
CA LYS A 7 -13.96 11.83 -14.42
C LYS A 7 -13.18 10.64 -13.89
N LEU A 8 -13.50 9.46 -14.40
CA LEU A 8 -12.71 8.29 -14.06
C LEU A 8 -12.01 7.78 -15.31
N LEU A 9 -10.69 7.65 -15.24
CA LEU A 9 -9.96 7.05 -16.34
C LEU A 9 -9.91 5.55 -16.09
N GLY A 10 -10.49 4.77 -16.99
CA GLY A 10 -10.72 3.38 -16.70
C GLY A 10 -10.61 2.44 -17.86
N ALA A 11 -11.01 1.21 -17.62
CA ALA A 11 -11.09 0.14 -18.62
C ALA A 11 -11.95 -0.94 -18.00
N TRP A 12 -13.04 -1.28 -18.68
CA TRP A 12 -14.05 -2.18 -18.07
C TRP A 12 -13.50 -3.52 -17.52
N PRO A 13 -12.42 -4.10 -18.10
CA PRO A 13 -12.00 -5.38 -17.50
C PRO A 13 -11.13 -5.26 -16.23
N SER A 14 -10.76 -4.05 -15.86
CA SER A 14 -9.77 -3.85 -14.79
C SER A 14 -10.39 -3.93 -13.39
N PRO A 15 -9.95 -4.89 -12.57
CA PRO A 15 -10.40 -5.00 -11.17
C PRO A 15 -10.08 -3.74 -10.38
N TYR A 16 -8.91 -3.15 -10.63
CA TYR A 16 -8.49 -1.92 -9.94
C TYR A 16 -9.41 -0.75 -10.24
N VAL A 17 -9.81 -0.62 -11.50
CA VAL A 17 -10.75 0.42 -11.87
C VAL A 17 -12.12 0.12 -11.26
N MET A 18 -12.47 -1.16 -11.17
CA MET A 18 -13.78 -1.53 -10.61
C MET A 18 -13.91 -1.08 -9.16
N ARG A 19 -12.79 -1.04 -8.44
CA ARG A 19 -12.78 -0.50 -7.07
C ARG A 19 -13.28 0.93 -7.01
N ALA A 20 -12.85 1.76 -7.96
CA ALA A 20 -13.25 3.17 -7.95
C ALA A 20 -14.73 3.37 -8.31
N ARG A 21 -15.19 2.71 -9.36
CA ARG A 21 -16.59 2.79 -9.78
C ARG A 21 -17.55 2.34 -8.70
N ILE A 22 -17.24 1.23 -8.04
CA ILE A 22 -18.09 0.71 -6.97
C ILE A 22 -18.20 1.72 -5.84
N THR A 23 -17.08 2.36 -5.53
CA THR A 23 -17.04 3.30 -4.42
C THR A 23 -17.80 4.57 -4.74
N LEU A 24 -17.72 5.01 -6.00
CA LEU A 24 -18.48 6.19 -6.45
C LEU A 24 -19.99 5.90 -6.43
N ASN A 25 -20.37 4.71 -6.86
CA ASN A 25 -21.76 4.27 -6.78
C ASN A 25 -22.24 4.36 -5.35
N VAL A 26 -21.48 3.80 -4.41
CA VAL A 26 -21.90 3.78 -3.00
C VAL A 26 -22.20 5.20 -2.55
N LYS A 27 -21.43 6.14 -3.05
CA LYS A 27 -21.58 7.52 -2.63
C LYS A 27 -22.65 8.28 -3.43
N SER A 28 -23.22 7.61 -4.44
CA SER A 28 -24.15 8.25 -5.37
C SER A 28 -23.50 9.45 -6.03
N VAL A 29 -22.29 9.22 -6.54
CA VAL A 29 -21.54 10.23 -7.26
C VAL A 29 -21.64 9.95 -8.75
N ASP A 30 -22.29 10.86 -9.48
CA ASP A 30 -22.30 10.75 -10.93
C ASP A 30 -20.91 11.11 -11.44
N TYR A 31 -20.52 10.49 -12.56
CA TYR A 31 -19.17 10.70 -13.08
C TYR A 31 -19.07 10.34 -14.56
N GLU A 32 -18.00 10.82 -15.17
CA GLU A 32 -17.72 10.50 -16.54
C GLU A 32 -16.63 9.41 -16.62
N LEU A 33 -16.90 8.37 -17.39
CA LEU A 33 -15.99 7.24 -17.55
C LEU A 33 -15.24 7.24 -18.88
N LEU A 34 -13.93 7.55 -18.83
CA LEU A 34 -13.11 7.60 -20.04
C LEU A 34 -12.28 6.33 -20.17
N GLU A 35 -12.60 5.52 -21.18
CA GLU A 35 -12.00 4.19 -21.26
C GLU A 35 -10.72 4.13 -22.10
N GLU A 36 -9.69 3.50 -21.53
CA GLU A 36 -8.43 3.26 -22.23
C GLU A 36 -8.53 2.04 -23.14
N THR A 37 -7.60 1.95 -24.09
CA THR A 37 -7.57 0.88 -25.08
C THR A 37 -6.26 0.12 -24.93
N LEU A 38 -6.26 -1.17 -25.20
CA LEU A 38 -5.03 -1.94 -25.20
C LEU A 38 -4.04 -1.40 -26.24
N GLY A 39 -2.80 -1.14 -25.81
CA GLY A 39 -1.75 -0.79 -26.75
C GLY A 39 -1.51 0.70 -26.95
N SER A 40 -2.28 1.54 -26.26
CA SER A 40 -2.02 2.97 -26.34
C SER A 40 -2.35 3.63 -25.02
N LYS A 41 -2.00 4.91 -24.88
CA LYS A 41 -2.31 5.70 -23.69
C LYS A 41 -2.99 7.02 -24.07
N SER A 42 -4.15 7.31 -23.46
CA SER A 42 -4.80 8.60 -23.71
C SER A 42 -3.91 9.77 -23.27
N ASP A 43 -3.99 10.88 -23.97
CA ASP A 43 -3.22 12.06 -23.61
C ASP A 43 -3.56 12.50 -22.17
N LEU A 44 -4.82 12.33 -21.80
CA LEU A 44 -5.28 12.73 -20.47
C LEU A 44 -4.65 11.85 -19.38
N LEU A 45 -4.45 10.56 -19.67
CA LEU A 45 -3.74 9.69 -18.73
C LEU A 45 -2.29 10.11 -18.58
N LEU A 46 -1.63 10.40 -19.70
CA LEU A 46 -0.22 10.79 -19.68
C LEU A 46 -0.05 12.06 -18.85
N LYS A 47 -1.03 12.95 -18.99
CA LYS A 47 -1.05 14.21 -18.23
C LYS A 47 -1.36 14.01 -16.73
N SER A 48 -2.37 13.21 -16.44
CA SER A 48 -2.85 12.98 -15.07
C SER A 48 -2.03 12.01 -14.22
N ASN A 49 -1.43 11.02 -14.86
CA ASN A 49 -0.61 10.06 -14.10
C ASN A 49 0.74 9.89 -14.79
N PRO A 50 1.59 10.94 -14.75
CA PRO A 50 2.86 10.87 -15.49
C PRO A 50 3.83 9.89 -14.85
N VAL A 51 3.69 9.67 -13.54
CA VAL A 51 4.60 8.80 -12.81
C VAL A 51 4.43 7.33 -13.16
N HIS A 52 3.18 6.84 -13.11
CA HIS A 52 2.91 5.42 -13.35
C HIS A 52 2.27 5.15 -14.71
N LYS A 53 1.53 6.14 -15.22
CA LYS A 53 0.69 5.96 -16.41
C LYS A 53 -0.23 4.74 -16.28
N LYS A 54 -0.85 4.57 -15.11
CA LYS A 54 -1.78 3.47 -14.89
C LYS A 54 -3.19 3.96 -14.60
N ILE A 55 -4.16 3.07 -14.82
CA ILE A 55 -5.54 3.33 -14.41
C ILE A 55 -5.83 2.44 -13.21
N PRO A 56 -6.79 2.82 -12.35
CA PRO A 56 -7.65 4.00 -12.47
C PRO A 56 -6.96 5.30 -12.09
N VAL A 57 -7.52 6.38 -12.60
CA VAL A 57 -7.18 7.71 -12.17
C VAL A 57 -8.49 8.45 -11.97
N LEU A 58 -8.67 9.04 -10.80
CA LEU A 58 -9.84 9.87 -10.55
C LEU A 58 -9.48 11.32 -10.79
N ILE A 59 -10.27 12.04 -11.59
CA ILE A 59 -10.01 13.45 -11.83
C ILE A 59 -11.16 14.27 -11.29
N HIS A 60 -10.90 15.01 -10.23
CA HIS A 60 -11.93 15.73 -9.50
C HIS A 60 -11.65 17.23 -9.57
N ASN A 61 -12.55 17.99 -10.20
CA ASN A 61 -12.30 19.42 -10.46
C ASN A 61 -10.92 19.66 -11.07
N ASP A 62 -10.58 18.84 -12.07
CA ASP A 62 -9.28 18.88 -12.77
C ASP A 62 -8.05 18.44 -11.94
N LYS A 63 -8.27 17.90 -10.75
CA LYS A 63 -7.17 17.39 -9.93
C LYS A 63 -7.13 15.87 -9.93
N PRO A 64 -6.02 15.28 -10.40
CA PRO A 64 -5.96 13.81 -10.50
C PRO A 64 -5.59 13.13 -9.18
N ILE A 65 -6.24 11.99 -8.90
CA ILE A 65 -5.87 11.07 -7.82
C ILE A 65 -5.59 9.71 -8.45
N CYS A 66 -4.42 9.14 -8.15
CA CYS A 66 -3.97 7.85 -8.69
C CYS A 66 -3.85 6.77 -7.61
N GLU A 67 -3.83 5.50 -8.03
CA GLU A 67 -3.77 4.31 -7.16
C GLU A 67 -5.15 4.01 -6.54
N SER A 68 -5.69 2.84 -6.89
CA SER A 68 -7.06 2.45 -6.59
C SER A 68 -7.47 2.59 -5.14
N LEU A 69 -6.64 2.11 -4.22
CA LEU A 69 -6.96 2.21 -2.79
C LEU A 69 -6.83 3.64 -2.24
N ILE A 70 -5.90 4.41 -2.82
CA ILE A 70 -5.78 5.81 -2.44
C ILE A 70 -7.03 6.58 -2.92
N ILE A 71 -7.55 6.16 -4.08
CA ILE A 71 -8.75 6.71 -4.69
C ILE A 71 -10.02 6.36 -3.89
N VAL A 72 -10.09 5.13 -3.40
CA VAL A 72 -11.21 4.70 -2.56
C VAL A 72 -11.23 5.54 -1.28
N HIS A 73 -10.08 5.66 -0.63
CA HIS A 73 -9.93 6.52 0.54
C HIS A 73 -10.38 7.95 0.26
N TYR A 74 -9.97 8.52 -0.86
CA TYR A 74 -10.28 9.93 -1.17
C TYR A 74 -11.78 10.15 -1.35
N ILE A 75 -12.42 9.27 -2.11
CA ILE A 75 -13.87 9.31 -2.29
C ILE A 75 -14.59 9.20 -0.94
N ASP A 76 -14.07 8.35 -0.05
CA ASP A 76 -14.65 8.19 1.28
C ASP A 76 -14.37 9.39 2.17
N GLU A 77 -13.16 9.96 2.07
CA GLU A 77 -12.88 11.13 2.89
C GLU A 77 -13.51 12.40 2.33
N PHE A 78 -13.72 12.50 1.01
CA PHE A 78 -14.35 13.70 0.45
C PHE A 78 -15.88 13.67 0.57
N TRP A 79 -16.50 12.59 0.08
CA TRP A 79 -17.93 12.43 0.27
C TRP A 79 -18.23 11.78 1.63
N SER A 80 -17.82 12.48 2.69
CA SER A 80 -17.86 11.92 4.04
C SER A 80 -19.22 12.01 4.71
N SER A 81 -20.25 12.41 3.95
CA SER A 81 -21.62 12.47 4.43
C SER A 81 -22.46 11.35 3.82
N GLY A 82 -21.93 10.72 2.78
CA GLY A 82 -22.54 9.51 2.26
C GLY A 82 -22.20 8.31 3.13
N PRO A 83 -22.68 7.12 2.75
CA PRO A 83 -22.38 5.88 3.48
C PRO A 83 -20.87 5.65 3.64
N SER A 84 -20.42 5.44 4.87
CA SER A 84 -19.03 5.10 5.19
C SER A 84 -18.45 3.91 4.42
N ILE A 85 -17.28 4.09 3.81
CA ILE A 85 -16.56 2.97 3.18
C ILE A 85 -15.57 2.32 4.14
N LEU A 86 -14.74 3.14 4.79
CA LEU A 86 -13.81 2.61 5.79
C LEU A 86 -14.57 2.42 7.09
N PRO A 87 -14.17 1.42 7.89
CA PRO A 87 -14.82 1.20 9.19
C PRO A 87 -14.71 2.44 10.08
N SER A 88 -15.61 2.58 11.05
CA SER A 88 -15.61 3.78 11.91
C SER A 88 -14.42 3.81 12.85
N ASP A 89 -14.12 2.66 13.43
CA ASP A 89 -13.10 2.54 14.47
C ASP A 89 -11.69 2.37 13.89
N PRO A 90 -10.69 3.09 14.46
CA PRO A 90 -9.30 3.09 13.95
C PRO A 90 -8.69 1.69 13.89
N TYR A 91 -8.92 0.87 14.91
CA TYR A 91 -8.39 -0.48 14.91
C TYR A 91 -8.98 -1.28 13.76
N ASP A 92 -10.30 -1.17 13.60
CA ASP A 92 -10.96 -1.86 12.51
C ASP A 92 -10.48 -1.34 11.15
N ARG A 93 -10.17 -0.05 11.05
CA ARG A 93 -9.68 0.51 9.80
C ARG A 93 -8.33 -0.11 9.44
N ALA A 94 -7.48 -0.28 10.46
CA ALA A 94 -6.18 -0.95 10.33
C ALA A 94 -6.29 -2.39 9.85
N ILE A 95 -7.26 -3.12 10.37
CA ILE A 95 -7.47 -4.52 9.96
C ILE A 95 -7.87 -4.56 8.48
N ALA A 96 -8.77 -3.67 8.12
CA ALA A 96 -9.32 -3.62 6.79
C ALA A 96 -8.25 -3.22 5.76
N ARG A 97 -7.45 -2.21 6.09
CA ARG A 97 -6.32 -1.77 5.27
C ARG A 97 -5.30 -2.89 5.12
N PHE A 98 -5.02 -3.56 6.23
CA PHE A 98 -4.08 -4.69 6.23
C PHE A 98 -4.48 -5.74 5.23
N TRP A 99 -5.74 -6.16 5.26
CA TRP A 99 -6.13 -7.26 4.39
C TRP A 99 -6.22 -6.80 2.93
N ALA A 100 -6.63 -5.56 2.67
CA ALA A 100 -6.56 -5.03 1.31
C ALA A 100 -5.11 -5.03 0.81
N ALA A 101 -4.16 -4.66 1.68
CA ALA A 101 -2.75 -4.64 1.24
C ALA A 101 -2.25 -6.04 0.96
N TYR A 102 -2.70 -7.00 1.76
CA TYR A 102 -2.33 -8.40 1.57
C TYR A 102 -2.86 -8.94 0.24
N LEU A 103 -4.03 -8.45 -0.18
CA LEU A 103 -4.63 -8.92 -1.43
C LEU A 103 -3.86 -8.41 -2.64
N ASP A 104 -3.41 -7.17 -2.59
CA ASP A 104 -2.64 -6.62 -3.69
C ASP A 104 -1.19 -7.11 -3.68
N GLU A 105 -0.64 -7.34 -2.49
CA GLU A 105 0.75 -7.78 -2.37
C GLU A 105 0.88 -9.30 -2.61
N LYS A 106 0.04 -10.09 -1.96
CA LYS A 106 0.25 -11.53 -1.94
C LYS A 106 -0.74 -12.32 -2.78
N TRP A 107 -2.02 -12.04 -2.63
CA TRP A 107 -3.04 -12.93 -3.15
C TRP A 107 -3.23 -12.83 -4.67
N TYR A 108 -3.46 -11.62 -5.16
CA TYR A 108 -3.69 -11.43 -6.60
C TYR A 108 -2.48 -11.79 -7.45
N PRO A 109 -1.26 -11.39 -7.03
CA PRO A 109 -0.08 -11.93 -7.72
C PRO A 109 -0.02 -13.47 -7.77
N SER A 110 -0.46 -14.14 -6.71
CA SER A 110 -0.43 -15.60 -6.74
C SER A 110 -1.56 -16.17 -7.62
N LEU A 111 -2.66 -15.43 -7.74
CA LEU A 111 -3.72 -15.81 -8.67
C LEU A 111 -3.19 -15.79 -10.11
N LYS A 112 -2.47 -14.73 -10.47
CA LYS A 112 -1.92 -14.59 -11.82
C LYS A 112 -0.82 -15.62 -12.08
N GLY A 113 -0.13 -16.01 -11.02
CA GLY A 113 0.94 -16.99 -11.14
C GLY A 113 0.46 -18.38 -11.52
N ILE A 114 -0.86 -18.54 -11.59
CA ILE A 114 -1.48 -19.75 -12.11
C ILE A 114 -1.36 -19.77 -13.63
N ALA A 115 -1.75 -18.67 -14.27
CA ALA A 115 -1.66 -18.56 -15.72
C ALA A 115 -0.23 -18.31 -16.19
N SER A 116 0.73 -18.53 -15.29
CA SER A 116 2.11 -18.13 -15.52
C SER A 116 3.10 -19.25 -15.23
N ALA A 117 2.64 -20.31 -14.59
CA ALA A 117 3.53 -21.40 -14.20
C ALA A 117 3.87 -22.31 -15.38
N GLN A 118 5.11 -22.77 -15.42
CA GLN A 118 5.55 -23.73 -16.44
C GLN A 118 5.86 -25.08 -15.80
N GLY A 119 5.19 -26.13 -16.29
CA GLY A 119 5.30 -27.45 -15.70
C GLY A 119 4.06 -27.74 -14.89
N GLU A 120 3.71 -29.02 -14.77
CA GLU A 120 2.50 -29.38 -14.03
C GLU A 120 2.76 -29.52 -12.53
N GLU A 121 4.02 -29.30 -12.14
CA GLU A 121 4.38 -29.20 -10.73
C GLU A 121 4.21 -27.76 -10.26
N ALA A 122 4.92 -26.83 -10.90
CA ALA A 122 4.89 -25.41 -10.52
C ALA A 122 3.47 -24.83 -10.61
N LYS A 123 2.64 -25.40 -11.47
CA LYS A 123 1.25 -25.01 -11.58
C LYS A 123 0.52 -25.45 -10.31
N LYS A 124 0.56 -26.75 -10.02
CA LYS A 124 -0.18 -27.29 -8.87
C LYS A 124 0.26 -26.63 -7.57
N ALA A 125 1.55 -26.34 -7.46
CA ALA A 125 2.09 -25.62 -6.32
C ALA A 125 1.43 -24.25 -6.19
N ALA A 126 1.25 -23.56 -7.31
CA ALA A 126 0.66 -22.22 -7.33
C ALA A 126 -0.84 -22.28 -6.99
N VAL A 127 -1.49 -23.34 -7.45
CA VAL A 127 -2.88 -23.63 -7.11
C VAL A 127 -3.05 -23.86 -5.61
N ASP A 128 -2.10 -24.55 -5.01
CA ASP A 128 -2.13 -24.80 -3.57
C ASP A 128 -1.98 -23.49 -2.79
N GLN A 129 -1.27 -22.52 -3.35
CA GLN A 129 -1.02 -21.26 -2.68
C GLN A 129 -2.29 -20.39 -2.65
N VAL A 130 -3.03 -20.39 -3.76
CA VAL A 130 -4.28 -19.66 -3.87
C VAL A 130 -5.35 -20.23 -2.95
N GLY A 131 -5.48 -21.55 -2.95
CA GLY A 131 -6.43 -22.23 -2.10
C GLY A 131 -6.18 -21.89 -0.65
N GLU A 132 -4.92 -21.98 -0.27
CA GLU A 132 -4.47 -21.68 1.09
C GLU A 132 -4.78 -20.24 1.50
N SER A 133 -4.39 -19.27 0.66
CA SER A 133 -4.68 -17.87 0.96
C SER A 133 -6.19 -17.62 0.97
N LEU A 134 -6.94 -18.34 0.13
CA LEU A 134 -8.39 -18.29 0.20
C LEU A 134 -8.93 -18.76 1.55
N ALA A 135 -8.28 -19.78 2.15
CA ALA A 135 -8.71 -20.28 3.46
C ALA A 135 -8.47 -19.24 4.53
N LEU A 136 -7.36 -18.52 4.40
CA LEU A 136 -7.09 -17.38 5.27
C LEU A 136 -8.19 -16.32 5.11
N ILE A 137 -8.55 -16.06 3.88
CA ILE A 137 -9.54 -15.03 3.59
C ILE A 137 -10.93 -15.45 4.10
N GLU A 138 -11.26 -16.74 3.97
CA GLU A 138 -12.52 -17.28 4.46
C GLU A 138 -12.65 -17.08 5.97
N ASP A 139 -11.57 -17.41 6.68
CA ASP A 139 -11.52 -17.28 8.13
C ASP A 139 -11.61 -15.83 8.58
N THR A 140 -10.90 -14.98 7.85
CA THR A 140 -10.92 -13.54 8.04
C THR A 140 -12.34 -12.99 7.93
N TYR A 141 -13.03 -13.37 6.86
CA TYR A 141 -14.41 -12.93 6.65
C TYR A 141 -15.29 -13.35 7.80
N VAL A 142 -15.12 -14.58 8.25
CA VAL A 142 -15.91 -15.07 9.37
C VAL A 142 -15.64 -14.20 10.59
N LYS A 143 -14.37 -13.91 10.88
CA LYS A 143 -14.05 -13.17 12.09
C LYS A 143 -14.43 -11.70 11.99
N LEU A 144 -14.39 -11.15 10.78
CA LEU A 144 -14.72 -9.74 10.57
C LEU A 144 -16.21 -9.48 10.46
N SER A 145 -16.90 -10.30 9.67
CA SER A 145 -18.32 -10.06 9.39
C SER A 145 -19.24 -10.36 10.58
N LYS A 146 -18.82 -11.28 11.43
CA LYS A 146 -19.60 -11.69 12.61
C LYS A 146 -21.08 -11.93 12.30
N GLY A 147 -21.34 -12.81 11.33
CA GLY A 147 -22.71 -13.13 10.99
C GLY A 147 -23.41 -12.12 10.08
N LYS A 148 -22.84 -10.93 9.92
CA LYS A 148 -23.42 -9.95 8.98
C LYS A 148 -22.99 -10.27 7.54
N PRO A 149 -23.71 -9.72 6.54
CA PRO A 149 -23.44 -10.13 5.16
C PRO A 149 -22.06 -9.72 4.61
N PHE A 150 -21.49 -8.63 5.10
CA PHE A 150 -20.25 -8.13 4.48
C PHE A 150 -19.08 -8.02 5.45
N PHE A 151 -17.87 -8.02 4.88
CA PHE A 151 -16.65 -7.73 5.63
C PHE A 151 -16.85 -6.51 6.49
N GLY A 152 -17.50 -5.50 5.91
CA GLY A 152 -17.78 -4.27 6.63
C GLY A 152 -19.08 -4.22 7.41
N GLY A 153 -19.71 -5.37 7.65
CA GLY A 153 -20.92 -5.41 8.44
C GLY A 153 -22.20 -5.42 7.60
N GLU A 154 -23.12 -4.52 7.92
CA GLU A 154 -24.43 -4.52 7.26
C GLU A 154 -24.37 -4.01 5.83
N LYS A 155 -23.28 -3.33 5.51
CA LYS A 155 -23.11 -2.57 4.27
C LYS A 155 -21.76 -2.90 3.67
N ILE A 156 -21.67 -2.91 2.34
CA ILE A 156 -20.38 -3.21 1.72
C ILE A 156 -19.33 -2.21 2.18
N GLY A 157 -18.17 -2.72 2.55
CA GLY A 157 -17.14 -1.79 2.95
C GLY A 157 -15.88 -1.88 2.12
N TYR A 158 -14.86 -1.18 2.59
CA TYR A 158 -13.51 -1.18 2.04
C TYR A 158 -13.02 -2.56 1.61
N LEU A 159 -12.95 -3.48 2.56
CA LEU A 159 -12.42 -4.81 2.31
C LEU A 159 -13.28 -5.58 1.31
N ASP A 160 -14.60 -5.43 1.40
CA ASP A 160 -15.53 -6.00 0.43
C ASP A 160 -15.13 -5.56 -0.96
N ILE A 161 -14.95 -4.25 -1.10
CA ILE A 161 -14.55 -3.68 -2.38
C ILE A 161 -13.14 -4.15 -2.77
N ALA A 162 -12.20 -4.20 -1.82
CA ALA A 162 -10.82 -4.56 -2.17
C ALA A 162 -10.72 -5.99 -2.69
N PHE A 163 -11.54 -6.89 -2.14
CA PHE A 163 -11.50 -8.30 -2.51
C PHE A 163 -12.51 -8.60 -3.61
N GLY A 164 -13.71 -8.01 -3.49
CA GLY A 164 -14.77 -8.21 -4.44
C GLY A 164 -14.44 -7.81 -5.86
N CYS A 165 -13.59 -6.80 -6.03
CA CYS A 165 -13.23 -6.34 -7.36
C CYS A 165 -12.60 -7.48 -8.19
N PHE A 166 -12.06 -8.47 -7.49
CA PHE A 166 -11.33 -9.59 -8.11
C PHE A 166 -12.20 -10.78 -8.51
N LEU A 167 -13.51 -10.73 -8.22
CA LEU A 167 -14.38 -11.90 -8.38
C LEU A 167 -14.48 -12.37 -9.83
N GLY A 168 -14.61 -11.41 -10.73
CA GLY A 168 -14.64 -11.69 -12.16
C GLY A 168 -13.41 -12.43 -12.64
N TRP A 169 -12.22 -11.95 -12.29
CA TRP A 169 -10.98 -12.61 -12.74
C TRP A 169 -10.74 -13.93 -12.00
N LEU A 170 -11.22 -14.05 -10.77
CA LEU A 170 -11.13 -15.33 -10.07
C LEU A 170 -11.99 -16.37 -10.79
N ARG A 171 -13.20 -15.99 -11.17
CA ARG A 171 -14.08 -16.91 -11.89
C ARG A 171 -13.49 -17.29 -13.25
N VAL A 172 -12.88 -16.32 -13.93
CA VAL A 172 -12.13 -16.59 -15.15
C VAL A 172 -11.00 -17.58 -14.90
N THR A 173 -10.19 -17.32 -13.86
CA THR A 173 -9.06 -18.18 -13.50
C THR A 173 -9.50 -19.62 -13.20
N GLU A 174 -10.67 -19.76 -12.59
CA GLU A 174 -11.25 -21.07 -12.30
C GLU A 174 -11.46 -21.88 -13.56
N LYS A 175 -12.24 -21.31 -14.47
CA LYS A 175 -12.58 -21.96 -15.73
C LYS A 175 -11.34 -22.36 -16.53
N THR A 176 -10.37 -21.47 -16.66
CA THR A 176 -9.22 -21.76 -17.52
C THR A 176 -8.21 -22.69 -16.85
N SER A 177 -8.20 -22.74 -15.52
CA SER A 177 -7.30 -23.65 -14.83
C SER A 177 -8.01 -24.96 -14.46
N GLY A 178 -9.32 -24.99 -14.67
CA GLY A 178 -10.11 -26.17 -14.36
C GLY A 178 -10.14 -26.50 -12.88
N VAL A 179 -10.02 -25.47 -12.05
CA VAL A 179 -10.01 -25.61 -10.60
C VAL A 179 -11.02 -24.67 -10.00
N LYS A 180 -11.93 -25.19 -9.17
CA LYS A 180 -12.85 -24.32 -8.44
C LYS A 180 -12.21 -23.91 -7.11
N PHE A 181 -12.28 -22.62 -6.80
CA PHE A 181 -11.54 -22.06 -5.68
C PHE A 181 -12.49 -21.59 -4.62
N LEU A 182 -13.55 -20.95 -5.08
CA LEU A 182 -14.55 -20.40 -4.20
C LEU A 182 -15.90 -21.01 -4.55
N ASN A 183 -16.40 -21.87 -3.67
CA ASN A 183 -17.74 -22.44 -3.81
C ASN A 183 -18.31 -22.89 -2.47
N GLU A 184 -19.52 -23.40 -2.51
CA GLU A 184 -20.28 -23.76 -1.31
C GLU A 184 -19.48 -24.76 -0.47
N ALA A 185 -18.84 -25.69 -1.17
CA ALA A 185 -18.16 -26.81 -0.54
C ALA A 185 -16.83 -26.41 0.11
N LYS A 186 -16.02 -25.62 -0.59
CA LYS A 186 -14.70 -25.27 -0.07
C LYS A 186 -14.70 -24.01 0.82
N THR A 187 -15.52 -23.03 0.46
CA THR A 187 -15.55 -21.74 1.16
C THR A 187 -17.01 -21.30 1.30
N PRO A 188 -17.75 -21.91 2.25
CA PRO A 188 -19.20 -21.67 2.35
C PRO A 188 -19.53 -20.23 2.71
N HIS A 189 -18.77 -19.64 3.63
CA HIS A 189 -19.06 -18.25 3.99
C HIS A 189 -18.75 -17.29 2.85
N LEU A 190 -17.62 -17.48 2.16
CA LEU A 190 -17.24 -16.58 1.07
C LEU A 190 -18.22 -16.69 -0.10
N ALA A 191 -18.68 -17.91 -0.35
CA ALA A 191 -19.62 -18.18 -1.44
C ALA A 191 -20.93 -17.44 -1.22
N LYS A 192 -21.38 -17.43 0.03
CA LYS A 192 -22.56 -16.69 0.40
C LYS A 192 -22.27 -15.21 0.24
N TRP A 193 -21.10 -14.78 0.70
CA TRP A 193 -20.72 -13.38 0.59
C TRP A 193 -20.62 -12.88 -0.86
N ALA A 194 -20.00 -13.66 -1.74
CA ALA A 194 -19.83 -13.29 -3.14
C ALA A 194 -21.17 -13.09 -3.85
N VAL A 195 -22.17 -13.86 -3.43
CA VAL A 195 -23.52 -13.71 -3.97
C VAL A 195 -24.12 -12.36 -3.61
N ARG A 196 -24.09 -12.02 -2.33
CA ARG A 196 -24.51 -10.70 -1.88
C ARG A 196 -23.79 -9.56 -2.59
N PHE A 197 -22.46 -9.65 -2.64
CA PHE A 197 -21.63 -8.57 -3.15
C PHE A 197 -21.98 -8.26 -4.60
N CYS A 198 -21.99 -9.29 -5.44
CA CYS A 198 -22.25 -9.10 -6.87
C CYS A 198 -23.66 -8.58 -7.18
N ALA A 199 -24.60 -8.85 -6.28
CA ALA A 199 -26.00 -8.44 -6.47
C ALA A 199 -26.26 -7.07 -5.87
N ASP A 200 -25.32 -6.57 -5.07
CA ASP A 200 -25.46 -5.22 -4.52
C ASP A 200 -25.62 -4.21 -5.67
N PRO A 201 -26.47 -3.18 -5.47
CA PRO A 201 -26.72 -2.20 -6.54
C PRO A 201 -25.44 -1.47 -6.99
N ALA A 202 -24.60 -1.06 -6.03
CA ALA A 202 -23.35 -0.39 -6.36
C ALA A 202 -22.40 -1.26 -7.19
N VAL A 203 -22.70 -2.55 -7.30
CA VAL A 203 -21.74 -3.48 -7.89
C VAL A 203 -22.26 -4.12 -9.15
N LYS A 204 -23.56 -4.36 -9.13
CA LYS A 204 -24.27 -5.18 -10.12
C LYS A 204 -23.98 -4.77 -11.55
N ASP A 205 -23.91 -3.46 -11.78
CA ASP A 205 -23.77 -2.96 -13.14
C ASP A 205 -22.33 -2.62 -13.55
N VAL A 206 -21.35 -2.86 -12.68
CA VAL A 206 -19.96 -2.61 -13.09
C VAL A 206 -19.12 -3.86 -12.96
N MET A 207 -19.73 -4.94 -12.47
CA MET A 207 -19.08 -6.24 -12.42
C MET A 207 -19.37 -6.97 -13.72
N PRO A 208 -18.35 -7.19 -14.56
CA PRO A 208 -18.53 -7.80 -15.88
C PRO A 208 -18.92 -9.28 -15.82
N GLU A 209 -19.76 -9.72 -16.76
CA GLU A 209 -20.05 -11.14 -16.93
C GLU A 209 -18.75 -11.90 -17.11
N THR A 210 -18.65 -13.06 -16.48
CA THR A 210 -17.46 -13.89 -16.56
C THR A 210 -17.17 -14.32 -17.99
N GLU A 211 -18.23 -14.40 -18.79
CA GLU A 211 -18.14 -14.84 -20.17
C GLU A 211 -17.37 -13.81 -21.02
N LYS A 212 -17.82 -12.55 -20.96
CA LYS A 212 -17.12 -11.43 -21.60
C LYS A 212 -15.67 -11.33 -21.16
N LEU A 213 -15.47 -11.32 -19.85
CA LEU A 213 -14.16 -11.12 -19.25
C LEU A 213 -13.17 -12.19 -19.68
N ALA A 214 -13.69 -13.40 -19.82
CA ALA A 214 -12.90 -14.55 -20.27
C ALA A 214 -12.44 -14.37 -21.71
N GLU A 215 -13.27 -13.73 -22.53
CA GLU A 215 -12.93 -13.54 -23.94
C GLU A 215 -11.93 -12.39 -24.09
N PHE A 216 -12.11 -11.31 -23.31
CA PHE A 216 -11.11 -10.24 -23.29
C PHE A 216 -9.80 -10.81 -22.79
N ALA A 217 -9.92 -11.76 -21.86
CA ALA A 217 -8.76 -12.40 -21.27
C ALA A 217 -7.87 -13.01 -22.34
N LYS A 218 -8.49 -13.49 -23.41
CA LYS A 218 -7.68 -14.04 -24.49
C LYS A 218 -7.47 -13.04 -25.62
N LEU A 219 -8.28 -11.98 -25.65
CA LEU A 219 -7.94 -10.85 -26.49
C LEU A 219 -6.58 -10.33 -26.04
N LEU A 220 -6.31 -10.49 -24.75
CA LEU A 220 -5.02 -10.13 -24.19
C LEU A 220 -3.98 -11.24 -24.44
N ALA A 221 -4.32 -12.19 -25.32
CA ALA A 221 -3.30 -13.03 -25.95
C ALA A 221 -2.72 -12.21 -27.09
N LYS A 222 -1.54 -11.67 -26.85
CA LYS A 222 -1.02 -10.56 -27.62
C LYS A 222 0.39 -10.38 -27.04
N PHE A 223 1.08 -11.52 -26.96
CA PHE A 223 2.36 -11.64 -26.25
C PHE A 223 2.22 -11.11 -24.82
N ALA B 2 0.76 2.98 27.92
CA ALA B 2 1.87 3.19 28.83
C ALA B 2 3.15 2.57 28.24
N LYS B 3 4.11 2.25 29.09
CA LYS B 3 5.13 1.30 28.68
C LYS B 3 4.45 -0.07 28.78
N SER B 4 3.25 -0.03 29.35
CA SER B 4 2.40 -1.20 29.51
C SER B 4 1.50 -1.41 28.30
N ASP B 5 0.70 -0.38 27.99
CA ASP B 5 -0.38 -0.49 27.00
C ASP B 5 0.08 -0.40 25.54
N VAL B 6 1.28 0.11 25.30
CA VAL B 6 1.78 0.21 23.93
C VAL B 6 3.13 -0.49 23.76
N LYS B 7 3.13 -1.56 22.99
CA LYS B 7 4.36 -2.31 22.69
C LYS B 7 4.72 -2.19 21.22
N LEU B 8 5.99 -2.03 20.92
CA LEU B 8 6.41 -2.01 19.53
C LEU B 8 7.45 -3.08 19.29
N LEU B 9 7.10 -4.09 18.51
CA LEU B 9 8.08 -5.08 18.12
C LEU B 9 8.91 -4.53 16.96
N GLY B 10 10.19 -4.34 17.20
CA GLY B 10 11.03 -3.73 16.21
C GLY B 10 12.44 -4.26 16.21
N ALA B 11 13.34 -3.45 15.68
CA ALA B 11 14.76 -3.77 15.52
C ALA B 11 15.41 -2.48 15.05
N TRP B 12 16.49 -2.08 15.72
CA TRP B 12 17.07 -0.76 15.48
C TRP B 12 17.55 -0.49 14.02
N PRO B 13 17.97 -1.52 13.25
CA PRO B 13 18.40 -1.11 11.90
C PRO B 13 17.27 -0.91 10.89
N SER B 14 16.04 -1.24 11.25
CA SER B 14 14.93 -1.27 10.29
C SER B 14 14.35 0.14 10.02
N PRO B 15 14.31 0.54 8.74
CA PRO B 15 13.69 1.86 8.51
C PRO B 15 12.18 1.80 8.71
N TYR B 16 11.55 0.64 8.49
CA TYR B 16 10.10 0.50 8.69
C TYR B 16 9.72 0.65 10.17
N VAL B 17 10.53 0.07 11.05
CA VAL B 17 10.32 0.28 12.47
C VAL B 17 10.53 1.75 12.85
N MET B 18 11.49 2.41 12.21
CA MET B 18 11.77 3.80 12.53
C MET B 18 10.54 4.69 12.27
N ARG B 19 9.82 4.41 11.18
CA ARG B 19 8.52 5.04 10.91
C ARG B 19 7.62 5.07 12.15
N ALA B 20 7.48 3.93 12.80
CA ALA B 20 6.53 3.82 13.89
C ALA B 20 7.04 4.60 15.10
N ARG B 21 8.36 4.52 15.34
CA ARG B 21 8.95 5.18 16.49
C ARG B 21 8.84 6.69 16.40
N ILE B 22 9.06 7.21 15.20
CA ILE B 22 9.00 8.66 14.98
C ILE B 22 7.57 9.15 15.20
N THR B 23 6.59 8.42 14.68
CA THR B 23 5.20 8.83 14.81
C THR B 23 4.72 8.81 16.25
N LEU B 24 5.15 7.80 16.99
CA LEU B 24 4.84 7.70 18.41
C LEU B 24 5.42 8.91 19.17
N ASN B 25 6.66 9.26 18.86
CA ASN B 25 7.33 10.42 19.48
C ASN B 25 6.60 11.71 19.17
N VAL B 26 6.06 11.82 17.97
CA VAL B 26 5.38 13.03 17.55
C VAL B 26 4.10 13.19 18.36
N LYS B 27 3.49 12.07 18.70
CA LYS B 27 2.26 12.05 19.48
C LYS B 27 2.57 12.03 20.97
N SER B 28 3.86 12.03 21.31
CA SER B 28 4.29 11.89 22.70
C SER B 28 3.64 10.66 23.35
N VAL B 29 3.69 9.51 22.67
CA VAL B 29 3.17 8.28 23.26
C VAL B 29 4.32 7.43 23.76
N ASP B 30 4.31 7.14 25.05
CA ASP B 30 5.33 6.31 25.63
C ASP B 30 5.06 4.85 25.28
N TYR B 31 6.10 4.09 25.01
CA TYR B 31 5.89 2.71 24.58
C TYR B 31 7.04 1.83 25.00
N GLU B 32 6.79 0.53 25.01
CA GLU B 32 7.87 -0.42 25.24
C GLU B 32 8.41 -0.88 23.91
N LEU B 33 9.72 -0.94 23.78
CA LEU B 33 10.34 -1.38 22.54
C LEU B 33 10.96 -2.76 22.74
N LEU B 34 10.44 -3.75 22.02
CA LEU B 34 10.96 -5.11 22.10
C LEU B 34 11.71 -5.43 20.82
N GLU B 35 12.96 -5.84 20.94
CA GLU B 35 13.82 -5.96 19.77
C GLU B 35 13.96 -7.39 19.28
N GLU B 36 13.65 -7.58 18.00
CA GLU B 36 13.94 -8.84 17.33
C GLU B 36 15.43 -8.98 17.10
N THR B 37 15.87 -10.22 16.92
CA THR B 37 17.27 -10.47 16.61
C THR B 37 17.35 -11.33 15.36
N LEU B 38 18.38 -11.08 14.55
CA LEU B 38 18.66 -11.84 13.33
C LEU B 38 18.65 -13.36 13.52
N GLY B 39 17.90 -14.06 12.68
CA GLY B 39 17.89 -15.51 12.75
C GLY B 39 16.85 -16.12 13.68
N SER B 40 16.15 -15.26 14.44
CA SER B 40 15.06 -15.71 15.30
C SER B 40 13.80 -14.91 15.10
N LYS B 41 12.69 -15.45 15.59
CA LYS B 41 11.44 -14.72 15.68
C LYS B 41 10.97 -14.90 17.09
N SER B 42 10.67 -13.80 17.79
CA SER B 42 10.17 -13.93 19.14
C SER B 42 8.80 -14.59 19.09
N ASP B 43 8.44 -15.32 20.15
CA ASP B 43 7.13 -15.92 20.26
C ASP B 43 6.04 -14.86 20.12
N LEU B 44 6.31 -13.69 20.69
CA LEU B 44 5.33 -12.62 20.69
C LEU B 44 5.10 -12.08 19.27
N LEU B 45 6.16 -12.05 18.45
CA LEU B 45 6.02 -11.71 17.05
C LEU B 45 5.20 -12.77 16.30
N LEU B 46 5.44 -14.04 16.61
CA LEU B 46 4.78 -15.14 15.88
C LEU B 46 3.26 -15.14 16.15
N LYS B 47 2.87 -14.77 17.36
CA LYS B 47 1.45 -14.72 17.66
C LYS B 47 0.81 -13.43 17.19
N SER B 48 1.60 -12.36 17.05
CA SER B 48 1.08 -11.03 16.66
C SER B 48 1.00 -10.78 15.15
N ASN B 49 1.97 -11.30 14.39
CA ASN B 49 1.95 -11.15 12.94
C ASN B 49 2.09 -12.52 12.27
N PRO B 50 1.12 -13.43 12.51
CA PRO B 50 1.27 -14.79 11.97
C PRO B 50 1.26 -14.85 10.45
N VAL B 51 0.70 -13.82 9.81
CA VAL B 51 0.59 -13.82 8.36
C VAL B 51 1.92 -13.54 7.69
N HIS B 52 2.67 -12.56 8.21
CA HIS B 52 3.88 -12.07 7.56
C HIS B 52 5.13 -12.35 8.38
N LYS B 53 4.96 -12.40 9.69
CA LYS B 53 6.06 -12.61 10.62
C LYS B 53 7.11 -11.50 10.42
N LYS B 54 6.63 -10.29 10.17
CA LYS B 54 7.48 -9.12 9.97
C LYS B 54 7.30 -8.08 11.05
N ILE B 55 8.32 -7.27 11.22
CA ILE B 55 8.27 -6.10 12.07
C ILE B 55 8.31 -4.87 11.18
N PRO B 56 7.76 -3.74 11.65
CA PRO B 56 7.20 -3.51 12.98
C PRO B 56 5.83 -4.13 13.19
N VAL B 57 5.53 -4.42 14.45
CA VAL B 57 4.19 -4.72 14.89
C VAL B 57 3.92 -3.78 16.06
N LEU B 58 2.81 -3.06 16.01
CA LEU B 58 2.38 -2.27 17.15
C LEU B 58 1.37 -3.09 17.94
N ILE B 59 1.61 -3.25 19.24
CA ILE B 59 0.62 -3.91 20.08
C ILE B 59 0.02 -2.89 21.04
N HIS B 60 -1.25 -2.58 20.83
CA HIS B 60 -1.96 -1.58 21.62
C HIS B 60 -3.03 -2.26 22.43
N ASN B 61 -2.89 -2.19 23.75
CA ASN B 61 -3.81 -2.91 24.64
C ASN B 61 -4.00 -4.35 24.19
N ASP B 62 -2.88 -5.05 23.93
CA ASP B 62 -2.88 -6.46 23.49
C ASP B 62 -3.47 -6.67 22.09
N LYS B 63 -3.68 -5.58 21.37
CA LYS B 63 -4.16 -5.68 19.99
C LYS B 63 -3.05 -5.31 19.01
N PRO B 64 -2.68 -6.25 18.13
CA PRO B 64 -1.62 -6.09 17.13
C PRO B 64 -2.04 -5.32 15.87
N ILE B 65 -1.21 -4.36 15.50
CA ILE B 65 -1.36 -3.66 14.23
C ILE B 65 -0.06 -3.85 13.43
N CYS B 66 -0.15 -4.45 12.23
CA CYS B 66 1.03 -4.69 11.38
C CYS B 66 1.07 -3.78 10.15
N GLU B 67 2.26 -3.68 9.54
CA GLU B 67 2.59 -2.89 8.34
C GLU B 67 2.80 -1.42 8.66
N SER B 68 4.01 -0.94 8.39
CA SER B 68 4.48 0.34 8.91
C SER B 68 3.56 1.52 8.56
N LEU B 69 3.09 1.61 7.32
CA LEU B 69 2.29 2.79 6.98
C LEU B 69 0.86 2.65 7.54
N ILE B 70 0.44 1.42 7.83
CA ILE B 70 -0.85 1.21 8.44
C ILE B 70 -0.76 1.58 9.92
N ILE B 71 0.38 1.28 10.52
CA ILE B 71 0.67 1.63 11.89
C ILE B 71 0.67 3.15 12.05
N VAL B 72 1.28 3.85 11.09
CA VAL B 72 1.34 5.31 11.15
C VAL B 72 -0.04 5.92 11.05
N HIS B 73 -0.86 5.36 10.17
CA HIS B 73 -2.23 5.78 10.07
C HIS B 73 -2.96 5.54 11.39
N TYR B 74 -2.78 4.35 11.97
CA TYR B 74 -3.46 4.00 13.22
C TYR B 74 -3.09 4.98 14.34
N ILE B 75 -1.80 5.22 14.51
CA ILE B 75 -1.33 6.15 15.52
C ILE B 75 -1.90 7.56 15.31
N ASP B 76 -1.95 8.00 14.06
CA ASP B 76 -2.44 9.34 13.76
C ASP B 76 -3.94 9.41 13.99
N GLU B 77 -4.64 8.32 13.72
CA GLU B 77 -6.09 8.31 13.87
C GLU B 77 -6.54 8.05 15.31
N PHE B 78 -5.79 7.25 16.04
CA PHE B 78 -6.12 7.02 17.45
C PHE B 78 -5.79 8.24 18.29
N TRP B 79 -4.52 8.64 18.27
CA TRP B 79 -4.12 9.80 19.05
C TRP B 79 -4.44 11.07 18.28
N SER B 80 -5.72 11.25 17.99
CA SER B 80 -6.16 12.28 17.04
C SER B 80 -6.20 13.69 17.63
N SER B 81 -5.85 13.81 18.91
CA SER B 81 -5.77 15.10 19.56
C SER B 81 -4.34 15.59 19.60
N GLY B 82 -3.39 14.72 19.28
CA GLY B 82 -2.00 15.13 19.18
C GLY B 82 -1.74 15.83 17.85
N PRO B 83 -0.48 16.21 17.62
CA PRO B 83 -0.05 16.85 16.35
C PRO B 83 -0.41 15.95 15.16
N SER B 84 -1.03 16.51 14.14
CA SER B 84 -1.44 15.74 12.98
C SER B 84 -0.28 15.17 12.14
N ILE B 85 -0.39 13.91 11.75
CA ILE B 85 0.61 13.29 10.89
C ILE B 85 0.18 13.33 9.43
N LEU B 86 -1.05 12.93 9.09
CA LEU B 86 -1.53 13.12 7.73
C LEU B 86 -1.98 14.57 7.54
N PRO B 87 -1.92 15.08 6.31
CA PRO B 87 -2.46 16.42 6.04
C PRO B 87 -3.95 16.47 6.35
N SER B 88 -4.47 17.67 6.60
CA SER B 88 -5.88 17.85 6.95
C SER B 88 -6.79 17.68 5.73
N ASP B 89 -6.34 18.16 4.60
CA ASP B 89 -7.18 18.19 3.41
C ASP B 89 -7.15 16.84 2.68
N PRO B 90 -8.33 16.38 2.21
CA PRO B 90 -8.45 15.09 1.53
C PRO B 90 -7.54 14.98 0.30
N TYR B 91 -7.45 16.04 -0.49
CA TYR B 91 -6.60 15.98 -1.67
C TYR B 91 -5.13 15.89 -1.29
N ASP B 92 -4.69 16.71 -0.33
CA ASP B 92 -3.29 16.70 0.10
C ASP B 92 -2.93 15.36 0.76
N ARG B 93 -3.92 14.78 1.42
CA ARG B 93 -3.72 13.50 2.06
C ARG B 93 -3.61 12.38 1.03
N ALA B 94 -4.38 12.48 -0.05
CA ALA B 94 -4.26 11.55 -1.17
C ALA B 94 -2.87 11.63 -1.85
N ILE B 95 -2.29 12.83 -1.88
CA ILE B 95 -0.99 13.05 -2.49
C ILE B 95 0.13 12.56 -1.58
N ALA B 96 -0.07 12.73 -0.27
CA ALA B 96 0.95 12.30 0.68
C ALA B 96 0.96 10.76 0.73
N ARG B 97 -0.22 10.15 0.65
CA ARG B 97 -0.28 8.68 0.57
C ARG B 97 0.35 8.13 -0.70
N PHE B 98 0.16 8.83 -1.81
CA PHE B 98 0.64 8.37 -3.10
C PHE B 98 2.16 8.29 -3.17
N TRP B 99 2.83 9.28 -2.57
CA TRP B 99 4.28 9.29 -2.61
C TRP B 99 4.89 8.31 -1.64
N ALA B 100 4.24 8.11 -0.50
CA ALA B 100 4.71 7.11 0.45
C ALA B 100 4.61 5.74 -0.20
N ALA B 101 3.51 5.53 -0.91
CA ALA B 101 3.30 4.29 -1.65
C ALA B 101 4.35 4.14 -2.77
N TYR B 102 4.70 5.26 -3.39
CA TYR B 102 5.75 5.28 -4.41
C TYR B 102 7.09 4.81 -3.82
N LEU B 103 7.46 5.38 -2.69
CA LEU B 103 8.73 5.05 -2.05
C LEU B 103 8.87 3.57 -1.74
N ASP B 104 7.79 2.93 -1.29
CA ASP B 104 7.84 1.50 -0.96
C ASP B 104 7.73 0.60 -2.20
N GLU B 105 7.09 1.07 -3.25
CA GLU B 105 6.90 0.24 -4.44
C GLU B 105 8.09 0.31 -5.38
N LYS B 106 8.63 1.52 -5.57
CA LYS B 106 9.60 1.76 -6.63
C LYS B 106 10.96 2.15 -6.06
N TRP B 107 10.98 3.19 -5.23
CA TRP B 107 12.25 3.79 -4.83
C TRP B 107 13.12 2.84 -4.03
N TYR B 108 12.57 2.38 -2.91
CA TYR B 108 13.35 1.56 -2.01
C TYR B 108 13.84 0.25 -2.64
N PRO B 109 12.96 -0.50 -3.34
CA PRO B 109 13.52 -1.73 -3.96
C PRO B 109 14.57 -1.39 -5.01
N SER B 110 14.38 -0.26 -5.67
CA SER B 110 15.33 0.21 -6.67
C SER B 110 16.66 0.57 -6.00
N LEU B 111 16.59 1.05 -4.75
CA LEU B 111 17.77 1.34 -3.97
C LEU B 111 18.48 0.03 -3.64
N LYS B 112 17.71 -0.97 -3.28
CA LYS B 112 18.27 -2.26 -2.88
C LYS B 112 18.83 -3.02 -4.09
N GLY B 113 18.32 -2.69 -5.26
CA GLY B 113 18.72 -3.35 -6.49
C GLY B 113 20.09 -2.91 -6.99
N ILE B 114 20.67 -1.94 -6.30
CA ILE B 114 22.05 -1.55 -6.54
C ILE B 114 22.97 -2.61 -5.95
N ALA B 115 22.80 -2.90 -4.66
CA ALA B 115 23.63 -3.89 -3.97
C ALA B 115 23.48 -5.26 -4.61
N SER B 116 22.26 -5.60 -5.01
CA SER B 116 21.97 -6.90 -5.59
C SER B 116 22.27 -6.99 -7.08
N ALA B 117 22.78 -5.89 -7.65
CA ALA B 117 23.12 -5.86 -9.07
C ALA B 117 24.46 -6.54 -9.32
N GLN B 118 24.44 -7.54 -10.17
CA GLN B 118 25.65 -8.24 -10.58
C GLN B 118 25.97 -7.90 -12.03
N GLY B 119 27.17 -7.38 -12.25
CA GLY B 119 27.60 -6.96 -13.56
C GLY B 119 27.65 -5.45 -13.67
N GLU B 120 28.86 -4.90 -13.54
CA GLU B 120 29.09 -3.49 -13.71
C GLU B 120 28.44 -3.00 -14.98
N GLU B 121 27.17 -2.60 -14.88
CA GLU B 121 26.41 -1.77 -15.85
C GLU B 121 24.91 -2.02 -15.72
N ALA B 122 24.54 -3.24 -15.34
CA ALA B 122 23.18 -3.51 -14.87
C ALA B 122 23.06 -2.85 -13.51
N LYS B 123 24.22 -2.67 -12.88
CA LYS B 123 24.36 -1.81 -11.70
C LYS B 123 24.17 -0.35 -12.10
N LYS B 124 24.88 0.09 -13.14
CA LYS B 124 24.69 1.45 -13.66
C LYS B 124 23.28 1.78 -14.00
N ALA B 125 22.59 0.81 -14.58
CA ALA B 125 21.20 1.00 -14.92
C ALA B 125 20.43 1.26 -13.64
N ALA B 126 20.72 0.48 -12.61
CA ALA B 126 20.05 0.60 -11.32
C ALA B 126 20.41 1.90 -10.63
N VAL B 127 21.66 2.34 -10.77
CA VAL B 127 22.11 3.57 -10.17
C VAL B 127 21.37 4.75 -10.80
N ASP B 128 21.17 4.70 -12.12
CA ASP B 128 20.43 5.74 -12.81
C ASP B 128 18.96 5.76 -12.40
N GLN B 129 18.43 4.61 -11.97
CA GLN B 129 17.04 4.53 -11.56
C GLN B 129 16.82 5.25 -10.22
N VAL B 130 17.80 5.16 -9.33
CA VAL B 130 17.72 5.82 -8.04
C VAL B 130 17.84 7.33 -8.19
N GLY B 131 18.74 7.77 -9.07
CA GLY B 131 18.93 9.19 -9.33
C GLY B 131 17.73 9.82 -10.03
N GLU B 132 17.09 9.07 -10.92
CA GLU B 132 15.86 9.50 -11.57
C GLU B 132 14.78 9.65 -10.50
N SER B 133 14.65 8.61 -9.68
CA SER B 133 13.64 8.56 -8.64
C SER B 133 13.80 9.73 -7.66
N LEU B 134 15.04 10.04 -7.32
CA LEU B 134 15.35 11.10 -6.38
C LEU B 134 15.05 12.51 -6.93
N ALA B 135 15.28 12.72 -8.23
CA ALA B 135 14.94 13.98 -8.89
C ALA B 135 13.44 14.25 -8.79
N LEU B 136 12.68 13.18 -8.97
CA LEU B 136 11.23 13.20 -8.81
C LEU B 136 10.81 13.59 -7.39
N ILE B 137 11.54 13.10 -6.40
CA ILE B 137 11.20 13.35 -5.01
C ILE B 137 11.61 14.75 -4.58
N GLU B 138 12.76 15.20 -5.09
CA GLU B 138 13.23 16.57 -4.92
C GLU B 138 12.17 17.56 -5.43
N ASP B 139 11.76 17.40 -6.67
CA ASP B 139 10.74 18.25 -7.26
C ASP B 139 9.39 18.18 -6.50
N THR B 140 9.03 16.97 -6.07
CA THR B 140 7.86 16.76 -5.23
C THR B 140 8.00 17.53 -3.90
N TYR B 141 9.17 17.42 -3.25
CA TYR B 141 9.41 18.20 -2.04
C TYR B 141 9.22 19.70 -2.26
N VAL B 142 9.77 20.22 -3.35
CA VAL B 142 9.60 21.63 -3.67
C VAL B 142 8.13 22.02 -3.82
N LYS B 143 7.41 21.32 -4.70
CA LYS B 143 6.01 21.65 -4.98
C LYS B 143 5.11 21.47 -3.76
N LEU B 144 5.50 20.60 -2.84
CA LEU B 144 4.64 20.26 -1.70
C LEU B 144 4.96 21.04 -0.42
N SER B 145 6.24 21.30 -0.17
CA SER B 145 6.61 22.10 0.99
C SER B 145 6.21 23.58 0.83
N LYS B 146 6.23 24.08 -0.40
CA LYS B 146 5.91 25.48 -0.69
C LYS B 146 6.73 26.46 0.16
N GLY B 147 8.02 26.20 0.28
CA GLY B 147 8.89 27.05 1.10
C GLY B 147 8.86 26.75 2.60
N LYS B 148 8.00 25.83 3.02
CA LYS B 148 8.03 25.35 4.41
C LYS B 148 9.18 24.35 4.56
N PRO B 149 9.72 24.20 5.78
CA PRO B 149 10.84 23.29 6.03
C PRO B 149 10.57 21.78 5.80
N PHE B 150 9.32 21.32 5.89
CA PHE B 150 9.04 19.90 5.72
C PHE B 150 8.04 19.61 4.61
N PHE B 151 7.97 18.34 4.23
CA PHE B 151 6.95 17.85 3.31
C PHE B 151 5.60 18.18 3.92
N GLY B 152 5.57 18.19 5.25
CA GLY B 152 4.33 18.38 5.99
C GLY B 152 4.03 19.83 6.35
N GLY B 153 4.90 20.75 5.95
CA GLY B 153 4.71 22.15 6.28
C GLY B 153 5.68 22.62 7.37
N GLU B 154 5.13 23.23 8.42
CA GLU B 154 5.95 23.71 9.54
C GLU B 154 6.45 22.58 10.44
N LYS B 155 5.72 21.47 10.43
CA LYS B 155 6.02 20.33 11.29
C LYS B 155 6.23 19.10 10.44
N ILE B 156 6.91 18.08 10.97
CA ILE B 156 7.15 16.90 10.17
C ILE B 156 5.85 16.18 9.95
N GLY B 157 5.72 15.64 8.76
CA GLY B 157 4.50 14.98 8.40
C GLY B 157 4.68 13.58 7.88
N TYR B 158 3.56 12.99 7.48
CA TYR B 158 3.50 11.65 6.95
C TYR B 158 4.61 11.32 5.95
N LEU B 159 4.74 12.18 4.94
CA LEU B 159 5.69 11.98 3.87
C LEU B 159 7.11 12.25 4.34
N ASP B 160 7.28 13.18 5.27
CA ASP B 160 8.61 13.34 5.88
C ASP B 160 9.08 12.03 6.51
N ILE B 161 8.14 11.37 7.20
CA ILE B 161 8.47 10.15 7.92
C ILE B 161 8.66 9.00 6.94
N ALA B 162 7.80 8.95 5.93
CA ALA B 162 7.83 7.87 4.95
C ALA B 162 9.15 7.81 4.22
N PHE B 163 9.70 8.99 3.91
CA PHE B 163 10.95 9.10 3.16
C PHE B 163 12.18 9.15 4.08
N GLY B 164 12.14 10.00 5.10
CA GLY B 164 13.30 10.20 5.95
C GLY B 164 13.76 8.96 6.70
N CYS B 165 12.87 7.99 6.85
CA CYS B 165 13.18 6.74 7.56
C CYS B 165 14.26 5.99 6.84
N PHE B 166 14.37 6.27 5.55
CA PHE B 166 15.35 5.62 4.68
C PHE B 166 16.72 6.31 4.61
N LEU B 167 16.87 7.45 5.29
CA LEU B 167 18.07 8.27 5.09
C LEU B 167 19.36 7.52 5.46
N GLY B 168 19.32 6.77 6.55
CA GLY B 168 20.49 6.04 7.02
C GLY B 168 20.93 4.99 6.01
N TRP B 169 19.97 4.30 5.44
CA TRP B 169 20.29 3.26 4.49
C TRP B 169 20.70 3.85 3.15
N LEU B 170 20.22 5.04 2.85
CA LEU B 170 20.64 5.72 1.62
C LEU B 170 22.12 6.02 1.71
N ARG B 171 22.54 6.50 2.89
CA ARG B 171 23.92 6.89 3.15
C ARG B 171 24.83 5.68 3.03
N VAL B 172 24.40 4.59 3.66
CA VAL B 172 25.11 3.33 3.58
C VAL B 172 25.27 2.91 2.12
N THR B 173 24.21 3.11 1.34
CA THR B 173 24.22 2.73 -0.06
C THR B 173 25.18 3.62 -0.86
N GLU B 174 25.28 4.89 -0.46
CA GLU B 174 26.25 5.77 -1.09
C GLU B 174 27.67 5.30 -0.77
N LYS B 175 27.91 5.06 0.52
CA LYS B 175 29.20 4.60 1.00
C LYS B 175 29.68 3.40 0.21
N THR B 176 28.89 2.34 0.22
CA THR B 176 29.28 1.07 -0.41
C THR B 176 29.37 1.15 -1.95
N SER B 177 28.38 1.76 -2.60
CA SER B 177 28.39 1.86 -4.06
C SER B 177 29.37 2.92 -4.56
N GLY B 178 29.83 3.77 -3.65
CA GLY B 178 30.72 4.86 -4.00
C GLY B 178 30.03 6.05 -4.65
N VAL B 179 28.72 5.94 -4.86
CA VAL B 179 27.95 6.96 -5.58
C VAL B 179 27.31 7.98 -4.63
N LYS B 180 27.25 9.23 -5.05
CA LYS B 180 26.63 10.31 -4.28
C LYS B 180 25.21 10.56 -4.80
N PHE B 181 24.19 10.38 -3.94
CA PHE B 181 22.81 10.47 -4.42
C PHE B 181 22.07 11.71 -3.96
N LEU B 182 22.03 11.93 -2.65
CA LEU B 182 21.34 13.06 -2.06
C LEU B 182 22.39 14.03 -1.53
N ASN B 183 22.44 15.23 -2.10
CA ASN B 183 23.48 16.18 -1.73
C ASN B 183 23.21 17.57 -2.27
N GLU B 184 24.06 18.50 -1.88
CA GLU B 184 23.87 19.92 -2.14
C GLU B 184 23.78 20.27 -3.63
N ALA B 185 24.35 19.41 -4.47
CA ALA B 185 24.41 19.70 -5.90
C ALA B 185 23.29 19.07 -6.73
N LYS B 186 23.00 17.79 -6.49
CA LYS B 186 21.96 17.10 -7.26
C LYS B 186 20.56 17.32 -6.70
N THR B 187 20.46 17.44 -5.38
CA THR B 187 19.16 17.59 -4.73
C THR B 187 19.27 18.63 -3.62
N PRO B 188 19.43 19.92 -3.98
CA PRO B 188 19.73 20.97 -2.98
C PRO B 188 18.67 21.10 -1.88
N HIS B 189 17.41 21.06 -2.27
CA HIS B 189 16.34 21.19 -1.29
C HIS B 189 16.28 20.00 -0.34
N LEU B 190 16.32 18.80 -0.90
CA LEU B 190 16.32 17.60 -0.07
C LEU B 190 17.50 17.60 0.88
N ALA B 191 18.62 18.13 0.44
CA ALA B 191 19.82 18.12 1.27
C ALA B 191 19.61 18.96 2.51
N LYS B 192 19.02 20.13 2.37
CA LYS B 192 18.71 20.96 3.53
C LYS B 192 17.63 20.32 4.40
N TRP B 193 16.58 19.82 3.75
CA TRP B 193 15.49 19.12 4.46
C TRP B 193 16.02 17.96 5.35
N ALA B 194 16.86 17.09 4.78
CA ALA B 194 17.39 15.93 5.49
C ALA B 194 18.09 16.31 6.80
N VAL B 195 18.82 17.42 6.77
CA VAL B 195 19.49 17.91 7.97
C VAL B 195 18.46 18.42 9.00
N ARG B 196 17.40 19.05 8.51
CA ARG B 196 16.31 19.55 9.36
C ARG B 196 15.57 18.37 9.99
N PHE B 197 15.26 17.39 9.16
CA PHE B 197 14.54 16.19 9.57
C PHE B 197 15.28 15.42 10.67
N CYS B 198 16.57 15.15 10.43
CA CYS B 198 17.40 14.39 11.38
C CYS B 198 17.61 15.15 12.69
N ALA B 199 17.44 16.45 12.64
CA ALA B 199 17.58 17.30 13.82
C ALA B 199 16.34 17.28 14.71
N ASP B 200 15.18 16.98 14.13
CA ASP B 200 13.91 17.01 14.86
C ASP B 200 13.97 16.10 16.09
N PRO B 201 13.37 16.55 17.22
CA PRO B 201 13.39 15.78 18.48
C PRO B 201 12.70 14.43 18.37
N ALA B 202 11.68 14.34 17.53
CA ALA B 202 10.97 13.08 17.34
C ALA B 202 11.81 12.11 16.54
N VAL B 203 12.86 12.64 15.88
CA VAL B 203 13.71 11.83 15.00
C VAL B 203 15.12 11.53 15.54
N LYS B 204 15.78 12.51 16.14
CA LYS B 204 17.23 12.43 16.30
C LYS B 204 17.74 11.24 17.14
N ASP B 205 16.89 10.68 18.00
CA ASP B 205 17.32 9.60 18.89
C ASP B 205 17.08 8.22 18.29
N VAL B 206 16.19 8.13 17.29
CA VAL B 206 15.84 6.83 16.76
C VAL B 206 16.48 6.58 15.40
N MET B 207 17.14 7.61 14.87
CA MET B 207 17.87 7.46 13.62
C MET B 207 19.31 7.01 13.91
N PRO B 208 19.70 5.79 13.48
CA PRO B 208 21.04 5.30 13.77
C PRO B 208 22.14 5.93 12.91
N GLU B 209 23.31 6.05 13.52
CA GLU B 209 24.51 6.56 12.86
C GLU B 209 24.84 5.69 11.65
N THR B 210 25.23 6.33 10.56
CA THR B 210 25.55 5.66 9.30
C THR B 210 26.56 4.52 9.47
N GLU B 211 27.67 4.79 10.16
CA GLU B 211 28.71 3.77 10.33
C GLU B 211 28.25 2.54 11.13
N LYS B 212 27.48 2.77 12.18
CA LYS B 212 26.86 1.67 12.93
C LYS B 212 25.98 0.83 12.01
N LEU B 213 25.15 1.49 11.23
CA LEU B 213 24.27 0.83 10.27
C LEU B 213 25.05 0.09 9.18
N ALA B 214 26.14 0.70 8.72
CA ALA B 214 27.00 0.08 7.71
C ALA B 214 27.65 -1.21 8.21
N GLU B 215 27.98 -1.24 9.49
CA GLU B 215 28.54 -2.43 10.13
C GLU B 215 27.49 -3.52 10.28
N PHE B 216 26.25 -3.14 10.57
CA PHE B 216 25.20 -4.16 10.62
C PHE B 216 24.96 -4.71 9.21
N ALA B 217 25.08 -3.86 8.21
CA ALA B 217 24.96 -4.30 6.83
C ALA B 217 26.01 -5.37 6.54
N LYS B 218 27.19 -5.23 7.15
CA LYS B 218 28.21 -6.27 7.10
C LYS B 218 27.74 -7.55 7.76
N LEU B 219 27.31 -7.44 9.03
CA LEU B 219 26.76 -8.60 9.75
C LEU B 219 25.62 -9.28 8.98
N LEU B 220 24.89 -8.51 8.17
CA LEU B 220 23.89 -9.04 7.29
C LEU B 220 24.58 -9.85 6.22
N ALA B 221 25.50 -10.67 6.63
CA ALA B 221 26.19 -11.59 5.74
C ALA B 221 25.79 -12.97 6.19
N LYS B 222 24.56 -13.14 6.58
CA LYS B 222 24.15 -14.49 6.74
C LYS B 222 23.65 -14.88 5.37
N PHE B 223 24.45 -14.50 4.33
CA PHE B 223 24.14 -14.84 2.97
C PHE B 223 22.94 -14.02 2.56
N1 GTX C . -1.36 -0.14 -8.34
CA1 GTX C . -2.46 0.25 -9.21
C1 GTX C . -3.67 0.47 -8.38
O11 GTX C . -4.34 1.43 -8.60
O12 GTX C . -3.95 -0.28 -7.47
CB1 GTX C . -2.71 -0.81 -10.27
CG1 GTX C . -2.82 -0.21 -11.66
CD1 GTX C . -2.92 -1.26 -12.73
OE1 GTX C . -2.12 -2.12 -12.78
N2 GTX C . -3.94 -1.22 -13.56
CA2 GTX C . -3.99 -2.07 -14.73
C2 GTX C . -3.42 -1.37 -15.90
O2 GTX C . -3.65 -1.77 -17.02
CB2 GTX C . -5.42 -2.47 -15.10
SG2 GTX C . -6.08 -3.87 -14.27
C1S GTX C . -4.76 -5.03 -14.18
C2S GTX C . -5.28 -6.46 -14.37
C3S GTX C . -5.30 -6.87 -15.84
C4S GTX C . -6.65 -6.67 -16.49
C5S GTX C . -6.79 -5.41 -17.32
C6S GTX C . -5.52 -5.04 -18.04
N3 GTX C . -2.70 -0.31 -15.65
CA3 GTX C . -2.00 0.37 -16.67
C3 GTX C . -0.66 -0.25 -16.81
O31 GTX C . 0.27 0.37 -17.37
O32 GTX C . -0.54 -1.39 -16.34
C1 PEG D . -4.16 3.28 0.51
O1 PEG D . -2.78 2.99 0.40
C2 PEG D . -4.33 4.11 1.75
O2 PEG D . -3.15 3.98 2.49
C3 PEG D . -3.35 3.05 3.53
C4 PEG D . -2.10 2.94 4.37
O4 PEG D . -1.38 1.83 3.90
C1 PEG E . -22.33 -20.85 5.43
O1 PEG E . -21.50 -21.62 6.27
C2 PEG E . -23.24 -20.07 6.34
O2 PEG E . -24.25 -19.41 5.62
C3 PEG E . -25.44 -20.21 5.55
C4 PEG E . -26.38 -19.84 6.66
O4 PEG E . -26.38 -18.43 6.84
C1 PEG F . -2.52 18.60 -15.46
O1 PEG F . -3.27 19.60 -16.15
C2 PEG F . -3.43 17.72 -14.62
O2 PEG F . -3.88 16.58 -15.35
C3 PEG F . -4.92 16.84 -16.29
C4 PEG F . -6.11 17.48 -15.60
O4 PEG F . -7.03 17.93 -16.56
C1 PEG G . -15.33 -2.48 5.45
O1 PEG G . -15.57 -1.34 6.27
C2 PEG G . -13.96 -3.11 5.54
O2 PEG G . -14.09 -4.35 6.23
C3 PEG G . -13.12 -4.74 7.19
C4 PEG G . -13.39 -4.27 8.60
O4 PEG G . -12.29 -4.39 9.51
N1 GTX H . 5.54 -3.72 4.41
CA1 GTX H . 6.07 -3.99 5.75
C1 GTX H . 6.10 -2.73 6.50
O11 GTX H . 6.08 -1.71 5.84
O12 GTX H . 6.14 -2.75 7.69
CB1 GTX H . 7.48 -4.54 5.58
CG1 GTX H . 8.30 -4.58 6.84
CD1 GTX H . 9.56 -5.34 6.66
OE1 GTX H . 9.78 -5.94 5.67
N2 GTX H . 10.42 -5.31 7.64
CA2 GTX H . 11.62 -6.07 7.65
C2 GTX H . 11.37 -7.37 8.34
O2 GTX H . 10.28 -7.77 8.55
CB2 GTX H . 12.75 -5.30 8.30
SG2 GTX H . 13.50 -4.05 7.30
C1S GTX H . 13.90 -4.92 5.84
C2S GTX H . 14.46 -3.97 4.80
C3S GTX H . 15.42 -2.92 5.38
C4S GTX H . 16.77 -3.49 5.84
C5S GTX H . 16.95 -3.60 7.35
C6S GTX H . 16.93 -5.03 7.80
N3 GTX H . 12.40 -8.06 8.73
CA3 GTX H . 12.29 -9.40 9.27
C3 GTX H . 11.70 -10.32 8.23
O31 GTX H . 11.70 -11.55 8.43
O32 GTX H . 11.25 -9.81 7.20
C1 PEG I . 1.58 14.40 -7.24
O1 PEG I . 2.45 15.46 -7.59
C2 PEG I . 1.30 13.52 -8.45
O2 PEG I . 0.91 12.22 -8.03
C3 PEG I . -0.16 12.15 -7.11
C4 PEG I . -1.49 11.80 -7.76
O4 PEG I . -2.26 10.98 -6.89
C1 PEG J . 3.40 15.16 4.39
O1 PEG J . 2.93 15.73 3.14
C2 PEG J . 2.29 14.99 5.43
O2 PEG J . 1.82 16.16 6.11
C3 PEG J . 1.70 16.00 7.51
C4 PEG J . 1.29 17.27 8.29
O4 PEG J . 2.22 17.71 9.30
#